data_4EMV
#
_entry.id   4EMV
#
_cell.length_a   73.297
_cell.length_b   94.920
_cell.length_c   61.247
_cell.angle_alpha   90.000
_cell.angle_beta   90.000
_cell.angle_gamma   90.000
#
_symmetry.space_group_name_H-M   'C 2 2 21'
#
loop_
_entity.id
_entity.type
_entity.pdbx_description
1 polymer 'DNA topoisomerase IV, B subunit'
2 non-polymer '5-{2-(ethylcarbamoyl)-4-[3-(trifluoromethyl)-1H-pyrazol-1-yl]-1H-pyrrolo[2,3-b]pyridin-5-yl}pyridine-3-carboxylic acid'
3 water water
#
_entity_poly.entity_id   1
_entity_poly.type   'polypeptide(L)'
_entity_poly.pdbx_seq_one_letter_code
;MSKKEININNYNDDAIQVLEGLDAVRKRPGMYIGSTDGAGLHHLVWEIVDNAVDEALSGFGDRIDVTINKDGSLTVQDHG
RGMPTGMHAMGIPTVEVIFTILHAGGKFGQGGYKTSGGLHGVGSSVVNALSSWLEVEITRDGAVYKQRFENGGKPVTTLK
KIGTALKSKTGTKVTFMPDATIFSTTDFKYNTISERLNESAFLLKNVTLSLTDKRTDEAIEFHYEN
;
_entity_poly.pdbx_strand_id   A
#
loop_
_chem_comp.id
_chem_comp.type
_chem_comp.name
_chem_comp.formula
0R9 non-polymer '5-{2-(ethylcarbamoyl)-4-[3-(trifluoromethyl)-1H-pyrazol-1-yl]-1H-pyrrolo[2,3-b]pyridin-5-yl}pyridine-3-carboxylic acid' 'C20 H15 F3 N6 O3'
#
# COMPACT_ATOMS: atom_id res chain seq x y z
N GLN A 17 -13.33 15.21 -16.02
CA GLN A 17 -12.67 14.85 -14.73
C GLN A 17 -11.36 15.62 -14.58
N VAL A 18 -11.25 16.40 -13.52
CA VAL A 18 -10.04 17.19 -13.28
C VAL A 18 -9.03 16.35 -12.49
N LEU A 19 -7.82 16.21 -13.04
CA LEU A 19 -6.74 15.51 -12.35
C LEU A 19 -5.97 16.50 -11.50
N GLU A 20 -5.43 16.02 -10.38
CA GLU A 20 -4.64 16.86 -9.48
C GLU A 20 -3.39 16.14 -9.01
N GLY A 21 -2.43 16.91 -8.51
CA GLY A 21 -1.21 16.36 -7.92
C GLY A 21 -1.38 16.11 -6.43
N LEU A 22 -0.35 15.56 -5.81
CA LEU A 22 -0.44 15.13 -4.40
C LEU A 22 -0.55 16.30 -3.41
N ASP A 23 -0.12 17.49 -3.82
CA ASP A 23 -0.30 18.71 -2.99
C ASP A 23 -1.75 18.92 -2.56
N ALA A 24 -2.69 18.62 -3.44
CA ALA A 24 -4.12 18.80 -3.18
C ALA A 24 -4.58 17.95 -1.99
N VAL A 25 -4.05 16.73 -1.89
CA VAL A 25 -4.37 15.84 -0.79
C VAL A 25 -3.77 16.37 0.51
N ARG A 26 -2.52 16.83 0.44
CA ARG A 26 -1.82 17.33 1.62
C ARG A 26 -2.46 18.61 2.19
N LYS A 27 -3.07 19.41 1.32
CA LYS A 27 -3.76 20.64 1.76
C LYS A 27 -5.18 20.41 2.31
N ARG A 28 -5.81 19.28 1.95
CA ARG A 28 -7.12 18.92 2.49
C ARG A 28 -7.22 17.42 2.78
N PRO A 29 -6.40 16.92 3.73
CA PRO A 29 -6.39 15.47 3.99
C PRO A 29 -7.76 14.89 4.34
N GLY A 30 -8.53 15.60 5.15
CA GLY A 30 -9.83 15.15 5.61
C GLY A 30 -10.83 14.87 4.49
N MET A 31 -10.63 15.52 3.35
CA MET A 31 -11.46 15.29 2.16
C MET A 31 -11.24 13.89 1.58
N TYR A 32 -10.07 13.32 1.80
CA TYR A 32 -9.70 12.02 1.22
C TYR A 32 -9.71 10.89 2.24
N ILE A 33 -9.28 11.17 3.48
CA ILE A 33 -9.20 10.13 4.52
C ILE A 33 -10.11 10.37 5.74
N GLY A 34 -10.91 11.44 5.70
CA GLY A 34 -11.92 11.68 6.74
C GLY A 34 -11.45 12.55 7.89
N SER A 35 -10.21 12.34 8.32
CA SER A 35 -9.65 13.05 9.47
C SER A 35 -8.14 12.84 9.50
N THR A 36 -7.46 13.52 10.42
CA THR A 36 -6.02 13.37 10.61
C THR A 36 -5.71 12.83 12.01
N ASP A 37 -6.70 12.22 12.65
CA ASP A 37 -6.51 11.51 13.91
C ASP A 37 -6.24 10.03 13.61
N GLY A 38 -6.33 9.18 14.64
CA GLY A 38 -6.11 7.75 14.48
C GLY A 38 -6.97 7.09 13.42
N ALA A 39 -8.21 7.55 13.27
CA ALA A 39 -9.11 7.01 12.25
C ALA A 39 -8.52 7.25 10.85
N GLY A 40 -8.03 8.46 10.61
CA GLY A 40 -7.41 8.80 9.33
C GLY A 40 -6.10 8.07 9.09
N LEU A 41 -5.30 7.94 10.15
CA LEU A 41 -4.05 7.18 10.06
C LEU A 41 -4.33 5.76 9.57
N HIS A 42 -5.36 5.14 10.13
CA HIS A 42 -5.67 3.75 9.81
C HIS A 42 -6.36 3.62 8.47
N HIS A 43 -7.03 4.68 8.03
CA HIS A 43 -7.54 4.74 6.65
C HIS A 43 -6.46 4.50 5.63
N LEU A 44 -5.24 4.95 5.90
CA LEU A 44 -4.11 4.70 5.00
C LEU A 44 -3.88 3.19 4.84
N VAL A 45 -3.95 2.47 5.95
CA VAL A 45 -3.81 1.01 5.94
C VAL A 45 -4.92 0.38 5.12
N TRP A 46 -6.15 0.84 5.32
CA TRP A 46 -7.29 0.26 4.60
C TRP A 46 -7.17 0.43 3.11
N GLU A 47 -6.68 1.58 2.65
CA GLU A 47 -6.53 1.85 1.22
C GLU A 47 -5.58 0.85 0.56
N ILE A 48 -4.43 0.61 1.18
CA ILE A 48 -3.44 -0.28 0.60
C ILE A 48 -3.91 -1.74 0.68
N VAL A 49 -4.46 -2.12 1.84
CA VAL A 49 -5.02 -3.46 2.01
C VAL A 49 -6.12 -3.70 0.97
N ASP A 50 -6.98 -2.71 0.75
CA ASP A 50 -8.07 -2.88 -0.21
C ASP A 50 -7.57 -3.14 -1.63
N ASN A 51 -6.44 -2.53 -2.01
CA ASN A 51 -5.82 -2.83 -3.31
C ASN A 51 -5.45 -4.31 -3.41
N ALA A 52 -4.88 -4.85 -2.32
CA ALA A 52 -4.47 -6.25 -2.28
C ALA A 52 -5.70 -7.16 -2.27
N VAL A 53 -6.71 -6.76 -1.52
CA VAL A 53 -7.96 -7.52 -1.44
C VAL A 53 -8.66 -7.57 -2.80
N ASP A 54 -8.72 -6.42 -3.50
CA ASP A 54 -9.33 -6.38 -4.84
C ASP A 54 -8.63 -7.35 -5.81
N GLU A 55 -7.31 -7.38 -5.74
CA GLU A 55 -6.52 -8.27 -6.60
C GLU A 55 -6.81 -9.75 -6.28
N ALA A 56 -6.91 -10.07 -5.00
CA ALA A 56 -7.24 -11.45 -4.57
C ALA A 56 -8.67 -11.81 -4.96
N LEU A 57 -9.59 -10.86 -4.84
CA LEU A 57 -10.98 -11.09 -5.21
C LEU A 57 -11.10 -11.44 -6.69
N SER A 58 -10.24 -10.84 -7.51
CA SER A 58 -10.15 -11.15 -8.95
C SER A 58 -9.47 -12.49 -9.24
N GLY A 59 -8.99 -13.16 -8.19
CA GLY A 59 -8.43 -14.51 -8.29
C GLY A 59 -6.92 -14.60 -8.27
N PHE A 60 -6.24 -13.49 -7.97
CA PHE A 60 -4.77 -13.46 -8.02
C PHE A 60 -4.18 -13.28 -6.61
N GLY A 61 -3.63 -14.36 -6.07
CA GLY A 61 -2.99 -14.35 -4.75
C GLY A 61 -3.88 -14.93 -3.68
N ASP A 62 -3.31 -15.77 -2.82
CA ASP A 62 -4.08 -16.42 -1.76
C ASP A 62 -3.64 -16.03 -0.35
N ARG A 63 -2.72 -15.07 -0.23
CA ARG A 63 -2.38 -14.52 1.08
C ARG A 63 -1.99 -13.05 0.99
N ILE A 64 -2.34 -12.30 2.02
CA ILE A 64 -2.02 -10.88 2.11
C ILE A 64 -1.38 -10.67 3.48
N ASP A 65 -0.14 -10.22 3.49
CA ASP A 65 0.63 -10.10 4.73
C ASP A 65 0.84 -8.63 5.09
N VAL A 66 0.43 -8.28 6.31
CA VAL A 66 0.59 -6.92 6.84
C VAL A 66 1.61 -6.94 7.98
N THR A 67 2.57 -6.02 7.95
CA THR A 67 3.60 -5.94 8.98
C THR A 67 3.72 -4.52 9.51
N ILE A 68 3.60 -4.37 10.83
CA ILE A 68 3.88 -3.11 11.49
C ILE A 68 5.36 -3.17 11.86
N ASN A 69 6.17 -2.33 11.21
CA ASN A 69 7.61 -2.41 11.35
C ASN A 69 8.07 -1.65 12.59
N LYS A 70 9.26 -1.99 13.08
CA LYS A 70 9.81 -1.37 14.30
C LYS A 70 9.96 0.14 14.19
N ASP A 71 10.32 0.61 13.00
CA ASP A 71 10.49 2.06 12.78
C ASP A 71 9.18 2.84 12.70
N GLY A 72 8.04 2.15 12.79
CA GLY A 72 6.73 2.80 12.74
C GLY A 72 6.08 2.74 11.37
N SER A 73 6.82 2.30 10.36
CA SER A 73 6.28 2.16 9.00
C SER A 73 5.40 0.92 8.94
N LEU A 74 4.65 0.79 7.85
CA LEU A 74 3.76 -0.35 7.69
C LEU A 74 3.91 -0.93 6.29
N THR A 75 3.95 -2.27 6.21
CA THR A 75 4.10 -2.98 4.95
C THR A 75 2.87 -3.82 4.66
N VAL A 76 2.39 -3.77 3.42
CA VAL A 76 1.38 -4.70 2.94
C VAL A 76 1.97 -5.43 1.74
N GLN A 77 1.95 -6.76 1.76
CA GLN A 77 2.45 -7.56 0.64
C GLN A 77 1.37 -8.49 0.11
N ASP A 78 1.17 -8.44 -1.21
CA ASP A 78 0.28 -9.39 -1.87
C ASP A 78 1.08 -10.27 -2.82
N HIS A 79 0.43 -11.32 -3.28
CA HIS A 79 1.03 -12.28 -4.20
C HIS A 79 0.20 -12.40 -5.45
N GLY A 80 -0.34 -11.26 -5.88
CA GLY A 80 -1.11 -11.16 -7.12
C GLY A 80 -0.20 -11.07 -8.32
N ARG A 81 -0.69 -10.47 -9.41
CA ARG A 81 0.03 -10.46 -10.68
C ARG A 81 1.25 -9.54 -10.68
N GLY A 82 1.31 -8.61 -9.73
CA GLY A 82 2.26 -7.52 -9.78
C GLY A 82 1.69 -6.40 -10.60
N MET A 83 1.85 -5.16 -10.14
CA MET A 83 1.41 -4.01 -10.93
C MET A 83 2.15 -4.03 -12.26
N PRO A 84 1.53 -3.49 -13.34
CA PRO A 84 2.24 -3.40 -14.61
C PRO A 84 3.54 -2.60 -14.48
N THR A 85 4.60 -3.10 -15.10
CA THR A 85 5.94 -2.54 -14.93
C THR A 85 6.36 -1.66 -16.12
N GLY A 86 5.44 -1.47 -17.06
CA GLY A 86 5.73 -0.70 -18.28
C GLY A 86 5.58 0.79 -18.12
N MET A 87 5.67 1.48 -19.26
CA MET A 87 5.64 2.94 -19.30
C MET A 87 4.26 3.49 -19.67
N HIS A 88 3.96 4.65 -19.09
CA HIS A 88 2.87 5.53 -19.50
C HIS A 88 3.50 6.46 -20.52
N ALA A 89 3.11 7.74 -20.54
CA ALA A 89 3.67 8.70 -21.49
C ALA A 89 5.02 9.24 -21.00
N MET A 90 5.79 9.81 -21.93
CA MET A 90 7.04 10.52 -21.62
C MET A 90 8.06 9.71 -20.80
N GLY A 91 8.04 8.39 -20.93
CA GLY A 91 8.93 7.53 -20.16
C GLY A 91 8.66 7.52 -18.66
N ILE A 92 7.44 7.83 -18.26
N ILE A 92 7.43 7.84 -18.27
CA ILE A 92 7.03 7.78 -16.86
CA ILE A 92 7.02 7.77 -16.87
C ILE A 92 6.35 6.44 -16.61
C ILE A 92 6.36 6.42 -16.64
N PRO A 93 6.87 5.64 -15.66
CA PRO A 93 6.25 4.33 -15.38
C PRO A 93 4.77 4.42 -14.99
N THR A 94 3.98 3.44 -15.43
CA THR A 94 2.59 3.32 -15.03
C THR A 94 2.44 3.40 -13.51
N VAL A 95 3.32 2.70 -12.80
CA VAL A 95 3.34 2.72 -11.33
C VAL A 95 3.46 4.14 -10.79
N GLU A 96 4.35 4.94 -11.37
CA GLU A 96 4.56 6.32 -10.93
C GLU A 96 3.28 7.15 -11.13
N VAL A 97 2.63 6.98 -12.28
CA VAL A 97 1.38 7.69 -12.55
C VAL A 97 0.31 7.35 -11.49
N ILE A 98 0.14 6.07 -11.19
CA ILE A 98 -0.83 5.61 -10.20
C ILE A 98 -0.54 6.21 -8.81
N PHE A 99 0.72 6.33 -8.46
CA PHE A 99 1.11 6.79 -7.13
C PHE A 99 1.23 8.32 -6.99
N THR A 100 1.17 9.06 -8.09
CA THR A 100 1.40 10.52 -8.03
C THR A 100 0.30 11.40 -8.64
N ILE A 101 -0.72 10.81 -9.26
CA ILE A 101 -1.83 11.55 -9.85
C ILE A 101 -3.16 11.01 -9.35
N LEU A 102 -4.12 11.89 -9.11
CA LEU A 102 -5.48 11.44 -8.74
C LEU A 102 -6.57 12.38 -9.26
N HIS A 103 -7.82 11.92 -9.17
CA HIS A 103 -8.98 12.72 -9.57
C HIS A 103 -9.30 13.74 -8.52
N GLY A 118 -8.31 8.42 -6.17
CA GLY A 118 -7.20 7.71 -6.81
C GLY A 118 -7.56 7.13 -8.16
N LEU A 119 -6.55 6.96 -9.02
CA LEU A 119 -6.74 6.52 -10.40
C LEU A 119 -6.85 5.01 -10.53
N HIS A 120 -7.66 4.57 -11.51
CA HIS A 120 -7.79 3.16 -11.87
C HIS A 120 -8.05 2.26 -10.70
N GLY A 121 -8.93 2.70 -9.80
CA GLY A 121 -9.46 1.86 -8.72
C GLY A 121 -8.63 1.70 -7.46
N VAL A 122 -7.55 2.49 -7.31
CA VAL A 122 -6.68 2.38 -6.14
C VAL A 122 -6.45 3.73 -5.47
N GLY A 123 -6.29 3.72 -4.14
CA GLY A 123 -6.04 4.94 -3.36
C GLY A 123 -4.57 5.09 -2.98
N SER A 124 -3.69 4.52 -3.80
CA SER A 124 -2.26 4.54 -3.54
C SER A 124 -1.68 5.95 -3.53
N SER A 125 -2.20 6.81 -4.41
CA SER A 125 -1.74 8.19 -4.49
C SER A 125 -2.04 8.98 -3.21
N VAL A 126 -3.21 8.75 -2.61
CA VAL A 126 -3.58 9.41 -1.35
C VAL A 126 -2.64 9.00 -0.22
N VAL A 127 -2.32 7.72 -0.14
CA VAL A 127 -1.39 7.23 0.89
C VAL A 127 0.01 7.82 0.67
N ASN A 128 0.46 7.82 -0.58
CA ASN A 128 1.76 8.38 -0.95
C ASN A 128 1.85 9.86 -0.54
N ALA A 129 0.79 10.61 -0.82
CA ALA A 129 0.73 12.04 -0.49
C ALA A 129 0.89 12.32 1.00
N LEU A 130 0.35 11.42 1.82
CA LEU A 130 0.34 11.61 3.28
C LEU A 130 1.42 10.79 4.00
N SER A 131 2.43 10.36 3.26
CA SER A 131 3.57 9.61 3.82
C SER A 131 4.87 10.41 3.64
N SER A 132 5.75 10.39 4.65
CA SER A 132 7.07 11.00 4.54
C SER A 132 8.00 10.17 3.65
N TRP A 133 7.70 8.87 3.52
CA TRP A 133 8.28 8.07 2.44
C TRP A 133 7.43 6.86 2.15
N LEU A 134 7.57 6.34 0.93
CA LEU A 134 6.84 5.18 0.49
C LEU A 134 7.68 4.42 -0.53
N GLU A 135 7.69 3.09 -0.42
CA GLU A 135 8.37 2.23 -1.38
C GLU A 135 7.39 1.20 -1.94
N VAL A 136 7.40 1.03 -3.26
CA VAL A 136 6.62 -0.02 -3.89
C VAL A 136 7.57 -0.99 -4.57
N GLU A 137 7.42 -2.28 -4.27
N GLU A 137 7.41 -2.28 -4.29
CA GLU A 137 8.24 -3.34 -4.86
CA GLU A 137 8.25 -3.32 -4.88
C GLU A 137 7.32 -4.27 -5.65
C GLU A 137 7.36 -4.30 -5.63
N ILE A 138 7.67 -4.52 -6.91
CA ILE A 138 6.86 -5.37 -7.79
C ILE A 138 7.70 -6.54 -8.28
N THR A 139 7.13 -7.73 -8.22
CA THR A 139 7.79 -8.93 -8.73
C THR A 139 6.92 -9.54 -9.81
N ARG A 140 7.51 -9.74 -10.99
CA ARG A 140 6.86 -10.46 -12.08
C ARG A 140 7.81 -10.64 -13.26
N ASP A 141 7.53 -11.66 -14.07
CA ASP A 141 8.29 -11.93 -15.29
C ASP A 141 9.77 -12.19 -15.01
N GLY A 142 10.05 -12.75 -13.84
CA GLY A 142 11.42 -13.09 -13.43
C GLY A 142 12.24 -11.91 -12.92
N ALA A 143 11.61 -10.76 -12.69
CA ALA A 143 12.31 -9.56 -12.25
C ALA A 143 11.66 -8.95 -11.01
N VAL A 144 12.48 -8.27 -10.22
CA VAL A 144 12.01 -7.50 -9.08
C VAL A 144 12.31 -6.03 -9.33
N TYR A 145 11.29 -5.19 -9.19
CA TYR A 145 11.40 -3.76 -9.46
C TYR A 145 11.02 -2.99 -8.22
N LYS A 146 11.58 -1.79 -8.08
CA LYS A 146 11.30 -0.94 -6.92
C LYS A 146 11.29 0.54 -7.30
N GLN A 147 10.34 1.29 -6.74
CA GLN A 147 10.34 2.75 -6.80
C GLN A 147 10.18 3.32 -5.40
N ARG A 148 10.93 4.37 -5.09
CA ARG A 148 10.85 5.05 -3.80
C ARG A 148 10.39 6.50 -3.97
N PHE A 149 9.50 6.92 -3.07
CA PHE A 149 9.00 8.30 -3.01
C PHE A 149 9.31 8.86 -1.62
N GLU A 150 9.50 10.18 -1.55
CA GLU A 150 9.76 10.84 -0.27
C GLU A 150 9.03 12.17 -0.19
N ASN A 151 8.78 12.62 1.04
N ASN A 151 8.79 12.62 1.05
CA ASN A 151 8.23 13.95 1.32
CA ASN A 151 8.22 13.95 1.32
C ASN A 151 6.89 14.22 0.61
C ASN A 151 6.89 14.22 0.63
N GLY A 152 5.92 13.36 0.89
CA GLY A 152 4.58 13.51 0.32
C GLY A 152 4.49 13.08 -1.13
N GLY A 153 5.27 12.07 -1.49
CA GLY A 153 5.10 11.38 -2.76
C GLY A 153 5.92 11.88 -3.94
N LYS A 154 7.03 12.56 -3.66
CA LYS A 154 7.95 12.96 -4.72
C LYS A 154 8.86 11.78 -5.03
N PRO A 155 8.86 11.31 -6.31
CA PRO A 155 9.76 10.21 -6.63
C PRO A 155 11.23 10.59 -6.53
N VAL A 156 12.01 9.76 -5.83
CA VAL A 156 13.46 9.96 -5.73
C VAL A 156 14.23 8.89 -6.52
N THR A 157 13.50 7.92 -7.07
CA THR A 157 14.02 7.00 -8.08
C THR A 157 12.93 6.80 -9.14
N THR A 158 13.32 6.22 -10.27
CA THR A 158 12.34 5.71 -11.22
C THR A 158 11.95 4.30 -10.78
N LEU A 159 11.18 3.60 -11.60
CA LEU A 159 10.91 2.19 -11.33
C LEU A 159 12.11 1.39 -11.82
N LYS A 160 12.97 0.98 -10.89
CA LYS A 160 14.24 0.35 -11.21
C LYS A 160 14.21 -1.16 -10.99
N LYS A 161 14.76 -1.93 -11.93
CA LYS A 161 14.98 -3.36 -11.70
C LYS A 161 16.09 -3.53 -10.66
N ILE A 162 15.76 -4.16 -9.54
CA ILE A 162 16.72 -4.36 -8.44
C ILE A 162 17.22 -5.81 -8.30
N GLY A 163 16.51 -6.76 -8.89
CA GLY A 163 16.91 -8.16 -8.80
C GLY A 163 16.08 -9.09 -9.66
N THR A 164 16.22 -10.39 -9.42
CA THR A 164 15.50 -11.40 -10.18
C THR A 164 14.79 -12.37 -9.25
N ALA A 165 13.84 -13.11 -9.82
CA ALA A 165 13.09 -14.11 -9.09
C ALA A 165 12.69 -15.21 -10.06
N LEU A 166 12.18 -16.31 -9.54
CA LEU A 166 11.61 -17.36 -10.38
C LEU A 166 10.43 -16.78 -11.15
N LYS A 167 10.20 -17.28 -12.35
CA LYS A 167 9.10 -16.78 -13.20
C LYS A 167 7.73 -16.98 -12.55
N SER A 168 7.61 -18.00 -11.69
CA SER A 168 6.38 -18.29 -10.98
C SER A 168 6.07 -17.31 -9.83
N LYS A 169 7.04 -16.45 -9.50
CA LYS A 169 6.87 -15.54 -8.38
C LYS A 169 6.28 -14.21 -8.85
N THR A 170 5.15 -13.81 -8.24
CA THR A 170 4.50 -12.55 -8.61
C THR A 170 3.94 -11.87 -7.37
N GLY A 171 3.87 -10.54 -7.40
CA GLY A 171 3.22 -9.79 -6.33
C GLY A 171 3.60 -8.33 -6.28
N THR A 172 2.95 -7.61 -5.35
CA THR A 172 3.20 -6.21 -5.10
C THR A 172 3.37 -6.02 -3.59
N LYS A 173 4.40 -5.27 -3.20
CA LYS A 173 4.63 -4.92 -1.80
C LYS A 173 4.70 -3.41 -1.68
N VAL A 174 3.96 -2.85 -0.72
CA VAL A 174 3.99 -1.41 -0.48
C VAL A 174 4.33 -1.17 0.98
N THR A 175 5.34 -0.34 1.23
CA THR A 175 5.73 0.05 2.58
C THR A 175 5.70 1.57 2.67
N PHE A 176 5.08 2.11 3.72
CA PHE A 176 4.99 3.56 3.87
C PHE A 176 5.14 4.01 5.32
N MET A 177 5.68 5.21 5.47
CA MET A 177 5.83 5.86 6.76
C MET A 177 4.87 7.04 6.79
N PRO A 178 3.83 6.99 7.64
CA PRO A 178 2.88 8.10 7.66
C PRO A 178 3.55 9.41 8.08
N ASP A 179 3.13 10.51 7.47
CA ASP A 179 3.75 11.81 7.70
C ASP A 179 3.38 12.38 9.06
N ALA A 180 4.37 12.46 9.95
CA ALA A 180 4.17 12.94 11.32
C ALA A 180 3.84 14.42 11.40
N THR A 181 4.07 15.17 10.32
CA THR A 181 3.68 16.58 10.28
C THR A 181 2.18 16.77 9.99
N ILE A 182 1.50 15.70 9.57
CA ILE A 182 0.07 15.76 9.25
C ILE A 182 -0.82 15.10 10.30
N PHE A 183 -0.48 13.88 10.70
CA PHE A 183 -1.31 13.12 11.63
C PHE A 183 -1.01 13.46 13.09
N SER A 184 -2.06 13.50 13.91
CA SER A 184 -1.92 13.77 15.35
C SER A 184 -1.37 12.56 16.10
N THR A 185 -1.55 11.37 15.52
CA THR A 185 -0.91 10.15 16.01
C THR A 185 -0.39 9.37 14.81
N THR A 186 0.82 8.82 14.94
CA THR A 186 1.39 7.95 13.91
C THR A 186 1.61 6.52 14.44
N ASP A 187 0.97 6.20 15.56
N ASP A 187 0.94 6.20 15.53
CA ASP A 187 1.08 4.88 16.16
CA ASP A 187 1.05 4.90 16.18
C ASP A 187 -0.01 3.96 15.64
C ASP A 187 -0.02 3.96 15.66
N PHE A 188 0.36 3.01 14.80
CA PHE A 188 -0.59 2.00 14.32
C PHE A 188 -1.00 1.12 15.50
N LYS A 189 -2.28 0.80 15.56
CA LYS A 189 -2.84 0.01 16.66
C LYS A 189 -3.12 -1.40 16.17
N TYR A 190 -2.41 -2.35 16.78
CA TYR A 190 -2.50 -3.77 16.41
C TYR A 190 -3.92 -4.29 16.46
N ASN A 191 -4.64 -4.00 17.54
CA ASN A 191 -6.00 -4.51 17.71
C ASN A 191 -6.97 -3.97 16.66
N THR A 192 -6.79 -2.71 16.29
CA THR A 192 -7.63 -2.08 15.26
C THR A 192 -7.40 -2.74 13.90
N ILE A 193 -6.13 -2.95 13.56
CA ILE A 193 -5.77 -3.58 12.29
C ILE A 193 -6.19 -5.05 12.28
N SER A 194 -5.92 -5.76 13.38
CA SER A 194 -6.31 -7.17 13.51
C SER A 194 -7.80 -7.38 13.23
N GLU A 195 -8.64 -6.56 13.85
CA GLU A 195 -10.09 -6.65 13.67
C GLU A 195 -10.52 -6.42 12.22
N ARG A 196 -9.95 -5.42 11.57
N ARG A 196 -9.94 -5.43 11.58
CA ARG A 196 -10.29 -5.10 10.19
CA ARG A 196 -10.27 -5.08 10.19
C ARG A 196 -9.86 -6.21 9.22
C ARG A 196 -9.83 -6.17 9.21
N LEU A 197 -8.67 -6.77 9.44
CA LEU A 197 -8.16 -7.86 8.59
C LEU A 197 -8.97 -9.13 8.78
N ASN A 198 -9.41 -9.38 10.00
CA ASN A 198 -10.31 -10.50 10.30
C ASN A 198 -11.60 -10.38 9.49
N GLU A 199 -12.20 -9.18 9.53
CA GLU A 199 -13.42 -8.89 8.78
C GLU A 199 -13.20 -9.04 7.27
N SER A 200 -12.07 -8.55 6.77
CA SER A 200 -11.75 -8.65 5.35
C SER A 200 -11.56 -10.11 4.93
N ALA A 201 -10.89 -10.90 5.78
CA ALA A 201 -10.72 -12.32 5.53
C ALA A 201 -12.09 -13.03 5.45
N PHE A 202 -13.01 -12.65 6.33
CA PHE A 202 -14.36 -13.23 6.31
C PHE A 202 -15.15 -12.88 5.06
N LEU A 203 -15.00 -11.65 4.56
CA LEU A 203 -15.67 -11.23 3.33
C LEU A 203 -15.06 -11.88 2.08
N LEU A 204 -13.75 -12.03 2.09
CA LEU A 204 -13.02 -12.47 0.90
C LEU A 204 -13.15 -13.98 0.66
N LYS A 205 -12.98 -14.77 1.72
CA LYS A 205 -12.96 -16.24 1.69
C LYS A 205 -11.73 -16.81 0.98
N ASN A 206 -11.20 -17.89 1.54
CA ASN A 206 -10.11 -18.67 0.93
C ASN A 206 -8.84 -17.87 0.67
N VAL A 207 -8.62 -16.84 1.48
CA VAL A 207 -7.41 -16.03 1.41
C VAL A 207 -6.92 -15.79 2.84
N THR A 208 -5.63 -16.02 3.07
CA THR A 208 -5.04 -15.80 4.39
C THR A 208 -4.66 -14.34 4.55
N LEU A 209 -5.14 -13.71 5.61
CA LEU A 209 -4.74 -12.35 5.98
C LEU A 209 -3.89 -12.51 7.23
N SER A 210 -2.67 -11.97 7.22
CA SER A 210 -1.79 -12.07 8.37
C SER A 210 -1.36 -10.69 8.87
N LEU A 211 -1.13 -10.60 10.17
CA LEU A 211 -0.64 -9.38 10.80
C LEU A 211 0.51 -9.74 11.72
N THR A 212 1.61 -8.99 11.61
CA THR A 212 2.78 -9.18 12.47
C THR A 212 3.21 -7.81 12.98
N ASP A 213 3.40 -7.69 14.29
CA ASP A 213 3.83 -6.45 14.91
C ASP A 213 5.27 -6.62 15.39
N LYS A 214 6.21 -6.01 14.68
CA LYS A 214 7.63 -6.14 15.01
C LYS A 214 8.02 -5.32 16.25
N ARG A 215 7.13 -4.43 16.69
CA ARG A 215 7.37 -3.62 17.90
C ARG A 215 7.19 -4.48 19.15
N THR A 216 6.24 -5.42 19.08
CA THR A 216 5.89 -6.27 20.22
C THR A 216 6.07 -7.78 19.95
N ASP A 217 6.38 -8.14 18.70
CA ASP A 217 6.44 -9.54 18.22
C ASP A 217 5.07 -10.25 18.07
N GLU A 218 3.97 -9.54 18.35
CA GLU A 218 2.64 -10.13 18.25
C GLU A 218 2.35 -10.52 16.80
N ALA A 219 1.58 -11.58 16.62
CA ALA A 219 1.24 -12.07 15.29
C ALA A 219 -0.05 -12.89 15.30
N ILE A 220 -0.80 -12.79 14.21
CA ILE A 220 -2.06 -13.53 14.05
C ILE A 220 -2.34 -13.74 12.56
N GLU A 221 -3.07 -14.80 12.24
CA GLU A 221 -3.51 -15.06 10.87
C GLU A 221 -5.00 -15.40 10.86
N PHE A 222 -5.66 -15.03 9.76
CA PHE A 222 -7.09 -15.27 9.56
C PHE A 222 -7.29 -15.93 8.20
N HIS A 223 -8.18 -16.92 8.15
CA HIS A 223 -8.51 -17.61 6.92
C HIS A 223 -9.85 -18.27 7.08
N TYR A 224 -10.79 -17.93 6.20
CA TYR A 224 -12.13 -18.53 6.24
C TYR A 224 -12.40 -19.31 4.96
N GLU A 225 -12.61 -20.62 5.10
CA GLU A 225 -12.91 -21.47 3.95
C GLU A 225 -14.41 -21.40 3.65
N ASN A 226 -14.79 -21.69 2.41
CA ASN A 226 -16.21 -21.69 2.02
C ASN A 226 -16.62 -22.95 1.24
C1 0R9 B . 0.26 -4.44 -1.75
C2 0R9 B . -0.85 -3.58 -2.32
N3 0R9 B . -1.22 -4.05 -3.64
C4 0R9 B . -1.51 -3.12 -4.62
O5 0R9 B . -1.54 -1.91 -4.40
C6 0R9 B . -1.76 -3.67 -5.92
C7 0R9 B . -2.19 -3.01 -7.06
C8 0R9 B . -2.28 -3.94 -8.13
C9 0R9 B . -2.64 -3.89 -9.46
C10 0R9 B . -2.61 -5.06 -10.21
C11 0R9 B . -2.20 -6.20 -9.54
N12 0R9 B . -1.83 -6.31 -8.27
C13 0R9 B . -1.90 -5.16 -7.61
N14 0R9 B . -1.58 -4.99 -6.28
C15 0R9 B . -2.98 -5.18 -11.60
C16 0R9 B . -2.24 -5.91 -12.53
C17 0R9 B . -2.69 -5.99 -13.83
C18 0R9 B . -3.86 -5.35 -14.17
N19 0R9 B . -4.61 -4.64 -13.32
C20 0R9 B . -4.13 -4.58 -12.06
C21 0R9 B . -1.97 -6.75 -14.89
O22 0R9 B . -0.98 -7.44 -14.56
O23 0R9 B . -2.44 -6.65 -16.06
N24 0R9 B . -3.03 -2.68 -10.04
C25 0R9 B . -4.04 -1.87 -9.62
C26 0R9 B . -4.09 -0.84 -10.53
C27 0R9 B . -3.06 -1.13 -11.46
N28 0R9 B . -2.42 -2.25 -11.15
C29 0R9 B . -2.67 -0.35 -12.64
F30 0R9 B . -3.48 0.72 -12.82
F31 0R9 B . -1.40 0.10 -12.55
F32 0R9 B . -2.73 -1.11 -13.77
#